data_6BDS
#
_entry.id   6BDS
#
_cell.length_a   140.780
_cell.length_b   39.541
_cell.length_c   53.561
_cell.angle_alpha   90.00
_cell.angle_beta   90.00
_cell.angle_gamma   90.00
#
_symmetry.space_group_name_H-M   'P 21 21 2'
#
loop_
_entity.id
_entity.type
_entity.pdbx_description
1 polymer 'Sulfotransferase oxamniquine resistance protein'
2 non-polymer "ADENOSINE-3'-5'-DIPHOSPHATE"
3 non-polymer (2-nitro-4-{[(3S)-1-{[4-(trifluoromethyl)phenyl]methyl}pyrrolidin-3-yl]amino}phenyl)methanol
4 water water
#
_entity_poly.entity_id   1
_entity_poly.type   'polypeptide(L)'
_entity_poly.pdbx_seq_one_letter_code
;GAMIESSTTIQVISAGLPRTGTKSLKNALEIIYHKPCYHMFEIIFNKQSDIIKWQNLIHDSHMITTPPPLTTKTIAIYDK
LKELLDGYIATTDLPTCGFYKDLMNIYPNAKVLLTIRDKYDWLHSLRKVVLPKSNDPWKLKIEEGDKVLGLNSDFYKLTE
DSLKFAFQKDDLNFDDDQVLLECYDEYNRLVQETVPSDRLLVLRLGDGWEPLCKFLNVEIPNGIDYPCVNSHHQMTQLTE
QLIKYKSLDAIIHMFPDLI
;
_entity_poly.pdbx_strand_id   A
#
# COMPACT_ATOMS: atom_id res chain seq x y z
N GLY A 1 -29.12 6.58 -1.56
CA GLY A 1 -29.31 5.27 -0.92
C GLY A 1 -29.48 5.49 0.56
N ALA A 2 -29.95 4.45 1.25
CA ALA A 2 -30.07 4.49 2.69
C ALA A 2 -28.70 4.40 3.33
N MET A 3 -28.61 4.96 4.53
CA MET A 3 -27.43 4.83 5.36
C MET A 3 -27.51 3.58 6.22
N ILE A 4 -26.46 2.77 6.19
CA ILE A 4 -26.40 1.51 6.92
C ILE A 4 -25.15 1.51 7.80
N GLU A 5 -25.19 0.71 8.84
CA GLU A 5 -24.13 0.75 9.85
C GLU A 5 -23.08 -0.32 9.51
N SER A 6 -21.94 0.16 9.01
CA SER A 6 -20.87 -0.69 8.51
C SER A 6 -19.95 -1.16 9.63
N SER A 7 -19.53 -2.42 9.56
CA SER A 7 -18.63 -2.98 10.55
C SER A 7 -17.21 -2.46 10.37
N THR A 8 -16.56 -2.10 11.48
CA THR A 8 -15.17 -1.63 11.44
C THR A 8 -14.23 -2.84 11.47
N THR A 9 -14.08 -3.42 10.29
CA THR A 9 -13.19 -4.54 10.04
C THR A 9 -12.73 -4.42 8.60
N ILE A 10 -11.70 -5.17 8.24
CA ILE A 10 -11.21 -5.10 6.87
C ILE A 10 -12.28 -5.57 5.92
N GLN A 11 -12.74 -4.67 5.06
CA GLN A 11 -13.74 -4.96 4.05
C GLN A 11 -13.19 -4.98 2.63
N VAL A 12 -12.03 -4.37 2.43
CA VAL A 12 -11.39 -4.25 1.13
C VAL A 12 -9.90 -4.47 1.31
N ILE A 13 -9.35 -5.36 0.50
CA ILE A 13 -7.93 -5.68 0.45
C ILE A 13 -7.43 -5.28 -0.93
N SER A 14 -6.56 -4.28 -1.00
CA SER A 14 -5.98 -3.92 -2.28
C SER A 14 -4.58 -4.52 -2.42
N ALA A 15 -4.41 -5.38 -3.41
CA ALA A 15 -3.12 -6.00 -3.67
C ALA A 15 -2.21 -5.13 -4.54
N GLY A 16 -2.69 -3.97 -4.98
CA GLY A 16 -1.90 -3.16 -5.89
C GLY A 16 -0.56 -2.75 -5.30
N LEU A 17 0.44 -2.69 -6.15
CA LEU A 17 1.79 -2.32 -5.71
C LEU A 17 1.90 -0.82 -5.48
N PRO A 18 2.92 -0.38 -4.76
CA PRO A 18 3.13 1.06 -4.61
C PRO A 18 3.26 1.72 -5.98
N ARG A 19 2.77 2.96 -6.04
CA ARG A 19 2.82 3.82 -7.23
C ARG A 19 1.84 3.38 -8.31
N THR A 20 0.75 2.69 -7.90
CA THR A 20 -0.34 2.32 -8.81
C THR A 20 -1.66 2.99 -8.44
N GLY A 21 -1.64 4.08 -7.69
CA GLY A 21 -2.84 4.75 -7.22
C GLY A 21 -3.30 4.36 -5.83
N THR A 22 -2.40 3.86 -4.99
CA THR A 22 -2.79 3.38 -3.67
C THR A 22 -3.28 4.51 -2.76
N LYS A 23 -2.65 5.68 -2.84
CA LYS A 23 -3.05 6.75 -1.92
C LYS A 23 -4.40 7.32 -2.34
N SER A 24 -4.64 7.44 -3.64
CA SER A 24 -5.96 7.85 -4.09
C SER A 24 -7.02 6.85 -3.67
N LEU A 25 -6.69 5.57 -3.76
CA LEU A 25 -7.62 4.53 -3.34
C LEU A 25 -7.86 4.57 -1.83
N LYS A 26 -6.79 4.77 -1.05
CA LYS A 26 -6.94 4.96 0.39
C LYS A 26 -7.92 6.08 0.67
N ASN A 27 -7.70 7.24 0.04
CA ASN A 27 -8.62 8.37 0.22
C ASN A 27 -10.03 7.99 -0.22
N ALA A 28 -10.16 7.29 -1.35
CA ALA A 28 -11.48 6.94 -1.83
C ALA A 28 -12.21 6.04 -0.85
N LEU A 29 -11.51 5.05 -0.30
CA LEU A 29 -12.14 4.13 0.63
C LEU A 29 -12.49 4.81 1.94
N GLU A 30 -11.70 5.79 2.37
CA GLU A 30 -12.06 6.51 3.58
C GLU A 30 -13.25 7.42 3.34
N ILE A 31 -13.40 7.93 2.10
CA ILE A 31 -14.59 8.70 1.76
C ILE A 31 -15.83 7.83 1.81
N ILE A 32 -15.73 6.58 1.34
CA ILE A 32 -16.87 5.67 1.33
C ILE A 32 -17.21 5.21 2.74
N TYR A 33 -16.21 4.74 3.49
CA TYR A 33 -16.46 4.01 4.72
C TYR A 33 -16.31 4.84 5.98
N HIS A 34 -15.70 6.04 5.90
CA HIS A 34 -15.56 6.96 7.02
C HIS A 34 -14.78 6.35 8.18
N LYS A 35 -13.88 5.43 7.87
CA LYS A 35 -12.96 4.84 8.83
C LYS A 35 -11.64 4.69 8.10
N PRO A 36 -10.54 4.49 8.83
CA PRO A 36 -9.22 4.57 8.20
C PRO A 36 -8.89 3.35 7.35
N CYS A 37 -8.09 3.62 6.32
CA CYS A 37 -7.53 2.62 5.43
C CYS A 37 -6.01 2.58 5.63
N TYR A 38 -5.45 1.37 5.71
CA TYR A 38 -4.01 1.24 5.89
C TYR A 38 -3.29 1.62 4.59
N HIS A 39 -2.07 2.11 4.76
CA HIS A 39 -1.23 2.61 3.67
C HIS A 39 0.14 2.86 4.28
N MET A 40 1.18 2.96 3.44
CA MET A 40 2.47 3.29 4.05
C MET A 40 2.42 4.64 4.74
N PHE A 41 1.58 5.58 4.26
CA PHE A 41 1.51 6.88 4.92
C PHE A 41 0.91 6.78 6.31
N GLU A 42 0.11 5.75 6.57
CA GLU A 42 -0.36 5.52 7.93
C GLU A 42 0.82 5.20 8.85
N ILE A 43 1.77 4.39 8.38
CA ILE A 43 2.96 4.13 9.19
C ILE A 43 3.75 5.42 9.40
N ILE A 44 3.98 6.18 8.34
CA ILE A 44 4.83 7.36 8.44
C ILE A 44 4.24 8.36 9.42
N PHE A 45 2.94 8.60 9.33
CA PHE A 45 2.35 9.70 10.08
C PHE A 45 1.75 9.29 11.43
N ASN A 46 1.25 8.07 11.57
CA ASN A 46 0.52 7.68 12.76
C ASN A 46 1.08 6.49 13.50
N LYS A 47 1.84 5.62 12.84
CA LYS A 47 2.17 4.30 13.40
C LYS A 47 3.63 3.91 13.15
N GLN A 48 4.58 4.82 13.35
CA GLN A 48 5.98 4.42 13.20
C GLN A 48 6.37 3.32 14.18
N SER A 49 5.65 3.22 15.29
CA SER A 49 5.91 2.16 16.24
C SER A 49 5.56 0.80 15.65
N ASP A 50 4.81 0.80 14.55
CA ASP A 50 4.39 -0.41 13.85
C ASP A 50 5.48 -0.98 12.94
N ILE A 51 6.49 -0.19 12.63
CA ILE A 51 7.55 -0.64 11.73
C ILE A 51 8.20 -1.95 12.17
N ILE A 52 8.61 -2.02 13.42
CA ILE A 52 9.25 -3.23 13.94
C ILE A 52 8.27 -4.40 13.90
N LYS A 53 6.99 -4.13 14.12
CA LYS A 53 6.01 -5.20 14.12
C LYS A 53 5.83 -5.78 12.72
N TRP A 54 5.75 -4.94 11.70
CA TRP A 54 5.71 -5.43 10.32
C TRP A 54 6.98 -6.19 9.97
N GLN A 55 8.14 -5.65 10.37
CA GLN A 55 9.41 -6.34 10.11
C GLN A 55 9.42 -7.72 10.74
N ASN A 56 8.99 -7.81 12.01
CA ASN A 56 8.89 -9.11 12.67
C ASN A 56 7.97 -10.05 11.92
N LEU A 57 6.82 -9.53 11.45
CA LEU A 57 5.86 -10.38 10.73
C LEU A 57 6.47 -10.91 9.44
N ILE A 58 7.12 -10.04 8.67
CA ILE A 58 7.75 -10.50 7.44
C ILE A 58 8.82 -11.53 7.75
N HIS A 59 9.60 -11.31 8.80
CA HIS A 59 10.65 -12.25 9.18
C HIS A 59 10.09 -13.65 9.44
N ASP A 60 8.89 -13.72 10.01
CA ASP A 60 8.26 -15.02 10.31
C ASP A 60 7.42 -15.55 9.16
N SER A 61 7.17 -14.73 8.13
CA SER A 61 6.14 -15.06 7.15
C SER A 61 6.41 -16.35 6.38
N HIS A 62 7.66 -16.78 6.30
CA HIS A 62 7.98 -18.00 5.58
C HIS A 62 7.33 -19.26 6.19
N MET A 63 6.92 -19.16 7.44
CA MET A 63 6.29 -20.24 8.15
C MET A 63 4.81 -20.40 7.89
N ILE A 64 4.21 -19.50 7.14
CA ILE A 64 2.82 -19.67 6.84
C ILE A 64 2.60 -20.77 5.85
N THR A 65 1.61 -21.62 6.11
CA THR A 65 1.09 -22.56 5.14
C THR A 65 -0.26 -22.04 4.66
N THR A 66 -0.41 -21.91 3.35
CA THR A 66 -1.65 -21.36 2.82
C THR A 66 -2.82 -22.28 3.20
N PRO A 67 -3.82 -21.79 3.92
CA PRO A 67 -4.95 -22.64 4.28
C PRO A 67 -5.94 -22.75 3.14
N PRO A 68 -6.92 -23.68 3.24
CA PRO A 68 -7.10 -24.59 4.38
C PRO A 68 -6.25 -25.87 4.27
N PRO A 69 -6.06 -26.58 5.38
CA PRO A 69 -6.46 -26.21 6.74
C PRO A 69 -5.48 -25.24 7.40
N LEU A 70 -5.85 -24.72 8.57
CA LEU A 70 -5.03 -23.75 9.29
C LEU A 70 -4.09 -24.46 10.25
N THR A 71 -2.79 -24.27 10.04
CA THR A 71 -1.80 -24.82 10.96
C THR A 71 -1.60 -23.90 12.16
N THR A 72 -1.00 -24.47 13.21
CA THR A 72 -0.71 -23.70 14.42
C THR A 72 0.15 -22.49 14.12
N LYS A 73 1.21 -22.67 13.33
CA LYS A 73 2.13 -21.57 13.07
C LYS A 73 1.46 -20.46 12.28
N THR A 74 0.60 -20.83 11.32
CA THR A 74 -0.09 -19.83 10.53
C THR A 74 -1.03 -19.00 11.40
N ILE A 75 -1.72 -19.66 12.32
CA ILE A 75 -2.65 -18.96 13.19
C ILE A 75 -1.91 -17.88 13.98
N ALA A 76 -0.73 -18.21 14.50
CA ALA A 76 0.03 -17.25 15.31
C ALA A 76 0.41 -16.03 14.49
N ILE A 77 0.79 -16.23 13.24
CA ILE A 77 1.17 -15.12 12.37
C ILE A 77 -0.05 -14.30 11.99
N TYR A 78 -1.15 -14.98 11.65
CA TYR A 78 -2.38 -14.29 11.30
C TYR A 78 -2.89 -13.42 12.46
N ASP A 79 -2.72 -13.88 13.71
CA ASP A 79 -3.15 -13.06 14.85
C ASP A 79 -2.39 -11.74 14.91
N LYS A 80 -1.09 -11.77 14.61
CA LYS A 80 -0.31 -10.54 14.64
C LYS A 80 -0.72 -9.61 13.50
N LEU A 81 -1.04 -10.18 12.34
CA LEU A 81 -1.52 -9.37 11.22
C LEU A 81 -2.87 -8.73 11.54
N LYS A 82 -3.81 -9.50 12.13
CA LYS A 82 -5.08 -8.93 12.56
C LYS A 82 -4.88 -7.79 13.55
N GLU A 83 -3.96 -7.98 14.50
CA GLU A 83 -3.70 -6.93 15.50
C GLU A 83 -3.23 -5.65 14.83
N LEU A 84 -2.33 -5.77 13.85
CA LEU A 84 -1.82 -4.58 13.20
C LEU A 84 -2.95 -3.79 12.55
N LEU A 85 -3.96 -4.49 12.05
CA LEU A 85 -5.01 -3.88 11.25
C LEU A 85 -6.27 -3.57 12.04
N ASP A 86 -6.21 -3.64 13.36
CA ASP A 86 -7.40 -3.36 14.15
C ASP A 86 -7.80 -1.90 14.01
N GLY A 87 -9.09 -1.68 13.76
CA GLY A 87 -9.61 -0.35 13.61
C GLY A 87 -9.64 0.16 12.18
N TYR A 88 -9.04 -0.57 11.25
CA TYR A 88 -9.03 -0.20 9.83
C TYR A 88 -10.11 -0.93 9.05
N ILE A 89 -10.59 -0.30 7.99
CA ILE A 89 -11.60 -0.91 7.12
C ILE A 89 -11.04 -1.37 5.78
N ALA A 90 -9.77 -1.15 5.51
CA ALA A 90 -9.19 -1.60 4.25
C ALA A 90 -7.68 -1.53 4.34
N THR A 91 -7.02 -2.22 3.42
CA THR A 91 -5.59 -2.19 3.26
C THR A 91 -5.20 -1.82 1.84
N THR A 92 -4.17 -1.00 1.75
CA THR A 92 -3.49 -0.68 0.50
C THR A 92 -1.99 -0.63 0.77
N ASP A 93 -1.22 -0.76 -0.30
CA ASP A 93 0.19 -0.34 -0.32
C ASP A 93 1.08 -1.34 0.41
N LEU A 94 2.39 -1.18 0.24
CA LEU A 94 3.33 -1.80 1.15
C LEU A 94 3.06 -1.28 2.55
N PRO A 95 3.28 -2.09 3.59
CA PRO A 95 3.75 -3.46 3.54
C PRO A 95 2.62 -4.50 3.39
N THR A 96 1.36 -4.07 3.34
CA THR A 96 0.26 -5.03 3.38
C THR A 96 0.08 -5.79 2.06
N CYS A 97 0.44 -5.19 0.93
CA CYS A 97 -0.12 -5.71 -0.33
C CYS A 97 0.36 -7.14 -0.60
N GLY A 98 1.61 -7.47 -0.26
CA GLY A 98 2.10 -8.83 -0.44
C GLY A 98 1.39 -9.87 0.39
N PHE A 99 0.71 -9.45 1.47
CA PHE A 99 -0.06 -10.34 2.29
C PHE A 99 -1.48 -10.55 1.79
N TYR A 100 -1.82 -10.15 0.55
CA TYR A 100 -3.21 -10.19 0.12
C TYR A 100 -3.81 -11.58 0.28
N LYS A 101 -3.05 -12.62 -0.04
CA LYS A 101 -3.54 -13.98 0.07
C LYS A 101 -3.91 -14.31 1.51
N ASP A 102 -3.06 -13.92 2.44
CA ASP A 102 -3.30 -14.19 3.84
C ASP A 102 -4.45 -13.34 4.37
N LEU A 103 -4.53 -12.09 3.93
CA LEU A 103 -5.66 -11.24 4.34
C LEU A 103 -6.98 -11.79 3.83
N MET A 104 -7.00 -12.39 2.65
CA MET A 104 -8.23 -13.00 2.15
C MET A 104 -8.70 -14.12 3.07
N ASN A 105 -7.77 -14.86 3.67
CA ASN A 105 -8.13 -15.94 4.59
C ASN A 105 -8.62 -15.38 5.92
N ILE A 106 -7.96 -14.35 6.43
CA ILE A 106 -8.32 -13.76 7.72
C ILE A 106 -9.66 -13.07 7.64
N TYR A 107 -9.95 -12.45 6.50
CA TYR A 107 -11.15 -11.64 6.30
C TYR A 107 -11.88 -12.21 5.09
N PRO A 108 -12.54 -13.37 5.26
CA PRO A 108 -13.17 -14.03 4.12
C PRO A 108 -14.30 -13.24 3.51
N ASN A 109 -14.83 -12.24 4.20
CA ASN A 109 -15.89 -11.41 3.65
C ASN A 109 -15.37 -10.11 3.05
N ALA A 110 -14.06 -9.94 3.00
CA ALA A 110 -13.46 -8.79 2.34
C ALA A 110 -13.36 -9.03 0.83
N LYS A 111 -13.47 -7.95 0.08
CA LYS A 111 -13.29 -8.02 -1.36
C LYS A 111 -11.90 -7.53 -1.72
N VAL A 112 -11.42 -7.92 -2.89
CA VAL A 112 -10.03 -7.70 -3.28
C VAL A 112 -9.96 -6.79 -4.50
N LEU A 113 -9.05 -5.83 -4.45
CA LEU A 113 -8.78 -4.93 -5.56
C LEU A 113 -7.35 -5.15 -6.03
N LEU A 114 -7.13 -4.89 -7.31
CA LEU A 114 -5.77 -4.81 -7.84
C LEU A 114 -5.69 -3.57 -8.70
N THR A 115 -4.85 -2.63 -8.30
CA THR A 115 -4.55 -1.46 -9.11
C THR A 115 -3.35 -1.74 -10.02
N ILE A 116 -3.47 -1.40 -11.29
CA ILE A 116 -2.41 -1.65 -12.26
C ILE A 116 -2.27 -0.43 -13.15
N ARG A 117 -1.12 -0.35 -13.81
CA ARG A 117 -0.85 0.71 -14.76
C ARG A 117 0.28 0.25 -15.66
N ASP A 118 0.56 1.07 -16.67
CA ASP A 118 1.69 0.84 -17.56
C ASP A 118 2.98 0.59 -16.76
N LYS A 119 3.70 -0.48 -17.12
CA LYS A 119 4.85 -0.91 -16.33
C LYS A 119 5.97 0.13 -16.33
N TYR A 120 6.17 0.83 -17.45
CA TYR A 120 7.24 1.82 -17.49
C TYR A 120 6.86 3.08 -16.72
N ASP A 121 5.58 3.49 -16.79
CA ASP A 121 5.12 4.59 -15.94
C ASP A 121 5.30 4.26 -14.48
N TRP A 122 4.99 3.01 -14.12
CA TRP A 122 5.18 2.54 -12.77
C TRP A 122 6.63 2.64 -12.34
N LEU A 123 7.53 2.10 -13.16
CA LEU A 123 8.95 2.12 -12.81
C LEU A 123 9.44 3.55 -12.64
N HIS A 124 9.08 4.42 -13.55
CA HIS A 124 9.49 5.79 -13.48
C HIS A 124 9.04 6.44 -12.19
N SER A 125 7.79 6.21 -11.85
CA SER A 125 7.25 6.73 -10.60
C SER A 125 8.00 6.15 -9.40
N LEU A 126 8.23 4.84 -9.42
CA LEU A 126 8.95 4.18 -8.35
C LEU A 126 10.33 4.76 -8.15
N ARG A 127 11.03 5.01 -9.26
CA ARG A 127 12.40 5.54 -9.18
C ARG A 127 12.43 6.98 -8.68
N LYS A 128 11.37 7.73 -8.90
CA LYS A 128 11.30 9.12 -8.46
C LYS A 128 10.94 9.27 -6.98
N VAL A 129 10.26 8.28 -6.39
CA VAL A 129 9.63 8.45 -5.07
C VAL A 129 10.14 7.43 -4.05
N VAL A 130 10.17 6.17 -4.42
CA VAL A 130 10.43 5.09 -3.48
C VAL A 130 11.80 4.48 -3.52
N LEU A 131 12.27 4.20 -4.72
CA LEU A 131 13.50 3.52 -4.93
C LEU A 131 14.38 4.10 -6.03
N PRO A 132 14.98 5.23 -5.77
CA PRO A 132 15.92 5.76 -6.75
C PRO A 132 17.17 4.86 -6.78
N LYS A 133 17.82 4.86 -7.91
CA LYS A 133 19.02 4.04 -8.00
C LYS A 133 20.10 4.59 -7.09
N SER A 134 21.03 3.70 -6.72
CA SER A 134 22.06 4.03 -5.74
C SER A 134 22.85 5.28 -6.12
N ASN A 135 23.16 5.43 -7.40
CA ASN A 135 24.01 6.54 -7.85
C ASN A 135 23.21 7.74 -8.29
N ASP A 136 21.89 7.73 -8.09
CA ASP A 136 21.04 8.86 -8.47
C ASP A 136 21.16 9.96 -7.44
N PRO A 137 21.58 11.18 -7.81
CA PRO A 137 21.74 12.24 -6.80
C PRO A 137 20.48 12.52 -6.02
N TRP A 138 19.31 12.25 -6.61
CA TRP A 138 18.05 12.53 -5.95
C TRP A 138 17.86 11.66 -4.70
N LYS A 139 18.51 10.50 -4.67
CA LYS A 139 18.44 9.63 -3.49
C LYS A 139 18.89 10.36 -2.23
N LEU A 140 19.94 11.18 -2.33
CA LEU A 140 20.40 11.90 -1.16
C LEU A 140 19.39 12.94 -0.70
N LYS A 141 18.68 13.52 -1.61
CA LYS A 141 17.65 14.47 -1.22
C LYS A 141 16.51 13.77 -0.55
N ILE A 142 16.04 12.67 -1.11
CA ILE A 142 15.02 11.90 -0.49
C ILE A 142 15.39 11.52 0.95
N GLU A 143 16.61 11.04 1.16
CA GLU A 143 17.04 10.65 2.46
C GLU A 143 17.12 11.84 3.41
N GLU A 144 17.48 13.00 2.91
CA GLU A 144 17.55 14.18 3.77
C GLU A 144 16.16 14.61 4.22
N GLY A 145 15.19 14.58 3.29
CA GLY A 145 13.84 14.91 3.68
C GLY A 145 13.23 13.88 4.61
N ASP A 146 13.58 12.60 4.43
CA ASP A 146 12.97 11.57 5.25
C ASP A 146 13.37 11.69 6.71
N LYS A 147 14.60 12.16 6.96
CA LYS A 147 15.07 12.29 8.33
C LYS A 147 14.26 13.32 9.10
N VAL A 148 13.79 14.36 8.41
CA VAL A 148 12.89 15.35 9.03
C VAL A 148 11.67 14.67 9.64
N LEU A 149 11.18 13.59 9.01
CA LEU A 149 9.99 12.89 9.45
C LEU A 149 10.30 11.81 10.48
N GLY A 150 11.55 11.67 10.87
CA GLY A 150 11.93 10.61 11.78
C GLY A 150 12.11 9.26 11.12
N LEU A 151 12.25 9.22 9.80
CA LEU A 151 12.37 7.95 9.10
C LEU A 151 13.84 7.62 8.94
N ASN A 152 14.21 6.41 9.36
CA ASN A 152 15.59 5.97 9.39
C ASN A 152 15.76 4.67 8.60
N SER A 153 16.90 4.00 8.81
CA SER A 153 17.22 2.82 8.02
C SER A 153 16.19 1.70 8.20
N ASP A 154 15.51 1.65 9.35
CA ASP A 154 14.51 0.61 9.52
C ASP A 154 13.30 0.83 8.62
N PHE A 155 12.98 2.08 8.33
CA PHE A 155 11.89 2.35 7.40
C PHE A 155 12.25 1.85 6.00
N TYR A 156 13.48 2.14 5.55
CA TYR A 156 13.91 1.65 4.26
C TYR A 156 13.98 0.13 4.24
N LYS A 157 14.39 -0.48 5.35
CA LYS A 157 14.43 -1.93 5.41
C LYS A 157 13.05 -2.52 5.26
N LEU A 158 12.04 -1.89 5.87
CA LEU A 158 10.67 -2.40 5.75
C LEU A 158 10.19 -2.31 4.30
N THR A 159 10.50 -1.21 3.62
CA THR A 159 10.10 -1.07 2.23
C THR A 159 10.74 -2.17 1.38
N GLU A 160 12.05 -2.35 1.53
CA GLU A 160 12.77 -3.39 0.82
C GLU A 160 12.21 -4.78 1.12
N ASP A 161 12.08 -5.11 2.40
CA ASP A 161 11.69 -6.47 2.72
C ASP A 161 10.24 -6.75 2.37
N SER A 162 9.38 -5.72 2.42
CA SER A 162 8.00 -5.98 2.04
C SER A 162 7.86 -6.05 0.53
N LEU A 163 8.75 -5.38 -0.20
CA LEU A 163 8.75 -5.57 -1.65
C LEU A 163 9.30 -6.95 -2.00
N LYS A 164 10.36 -7.40 -1.34
CA LYS A 164 10.84 -8.76 -1.52
C LYS A 164 9.76 -9.77 -1.23
N PHE A 165 9.01 -9.55 -0.15
CA PHE A 165 7.95 -10.48 0.23
C PHE A 165 6.86 -10.54 -0.83
N ALA A 166 6.44 -9.38 -1.30
CA ALA A 166 5.42 -9.30 -2.35
C ALA A 166 5.88 -10.02 -3.61
N PHE A 167 7.15 -9.87 -3.95
CA PHE A 167 7.69 -10.49 -5.15
C PHE A 167 8.18 -11.92 -4.90
N GLN A 168 8.11 -12.42 -3.66
CA GLN A 168 8.55 -13.78 -3.34
C GLN A 168 10.00 -14.01 -3.79
N LYS A 169 10.84 -13.04 -3.45
CA LYS A 169 12.27 -13.09 -3.70
C LYS A 169 13.04 -13.12 -2.38
N ASP A 170 14.05 -14.00 -2.32
CA ASP A 170 14.93 -14.04 -1.16
C ASP A 170 15.83 -12.82 -1.13
N ASP A 171 16.24 -12.32 -2.28
CA ASP A 171 16.91 -11.04 -2.37
C ASP A 171 16.56 -10.42 -3.71
N LEU A 172 16.92 -9.16 -3.86
CA LEU A 172 16.46 -8.38 -5.01
C LEU A 172 17.52 -7.35 -5.35
N ASN A 173 17.89 -7.28 -6.63
CA ASN A 173 18.77 -6.20 -7.07
C ASN A 173 17.91 -4.98 -7.31
N PHE A 174 17.78 -4.12 -6.29
CA PHE A 174 16.86 -2.99 -6.38
C PHE A 174 17.27 -1.99 -7.46
N ASP A 175 18.54 -1.98 -7.88
CA ASP A 175 18.99 -1.08 -8.93
C ASP A 175 18.80 -1.64 -10.33
N ASP A 176 18.19 -2.82 -10.48
CA ASP A 176 18.06 -3.49 -11.78
C ASP A 176 16.63 -3.29 -12.30
N ASP A 177 16.49 -2.39 -13.29
CA ASP A 177 15.17 -2.09 -13.85
C ASP A 177 14.49 -3.32 -14.44
N GLN A 178 15.25 -4.14 -15.16
CA GLN A 178 14.67 -5.33 -15.77
C GLN A 178 14.07 -6.25 -14.72
N VAL A 179 14.78 -6.46 -13.61
CA VAL A 179 14.26 -7.32 -12.54
C VAL A 179 12.95 -6.75 -12.00
N LEU A 180 12.92 -5.44 -11.74
CA LEU A 180 11.72 -4.85 -11.14
C LEU A 180 10.54 -4.92 -12.10
N LEU A 181 10.78 -4.66 -13.38
CA LEU A 181 9.71 -4.76 -14.37
C LEU A 181 9.17 -6.18 -14.46
N GLU A 182 10.06 -7.18 -14.43
CA GLU A 182 9.61 -8.55 -14.54
C GLU A 182 8.84 -8.94 -13.30
N CYS A 183 9.30 -8.49 -12.12
CA CYS A 183 8.59 -8.79 -10.89
C CYS A 183 7.21 -8.13 -10.89
N TYR A 184 7.14 -6.91 -11.40
CA TYR A 184 5.87 -6.21 -11.49
C TYR A 184 4.86 -7.01 -12.31
N ASP A 185 5.26 -7.42 -13.51
CA ASP A 185 4.34 -8.14 -14.38
C ASP A 185 3.97 -9.48 -13.76
N GLU A 186 4.93 -10.20 -13.19
CA GLU A 186 4.63 -11.50 -12.60
C GLU A 186 3.71 -11.35 -11.40
N TYR A 187 3.92 -10.30 -10.59
CA TYR A 187 3.08 -10.07 -9.42
C TYR A 187 1.64 -9.85 -9.82
N ASN A 188 1.41 -8.96 -10.78
CA ASN A 188 0.06 -8.66 -11.20
C ASN A 188 -0.60 -9.86 -11.86
N ARG A 189 0.16 -10.62 -12.63
CA ARG A 189 -0.37 -11.85 -13.22
C ARG A 189 -0.81 -12.83 -12.14
N LEU A 190 0.03 -12.98 -11.10
CA LEU A 190 -0.23 -13.98 -10.06
C LEU A 190 -1.45 -13.61 -9.22
N VAL A 191 -1.65 -12.31 -8.95
CA VAL A 191 -2.86 -11.90 -8.24
C VAL A 191 -4.09 -12.37 -9.00
N GLN A 192 -4.11 -12.11 -10.30
CA GLN A 192 -5.28 -12.46 -11.10
C GLN A 192 -5.43 -13.97 -11.24
N GLU A 193 -4.33 -14.71 -11.13
CA GLU A 193 -4.43 -16.17 -11.15
C GLU A 193 -4.92 -16.74 -9.81
N THR A 194 -4.68 -16.01 -8.72
CA THR A 194 -4.89 -16.51 -7.37
C THR A 194 -6.26 -16.15 -6.83
N VAL A 195 -6.71 -14.92 -7.03
CA VAL A 195 -7.97 -14.47 -6.43
C VAL A 195 -9.11 -14.92 -7.33
N PRO A 196 -10.13 -15.58 -6.78
CA PRO A 196 -11.32 -15.90 -7.59
C PRO A 196 -11.89 -14.65 -8.22
N SER A 197 -12.21 -14.74 -9.50
CA SER A 197 -12.64 -13.56 -10.25
C SER A 197 -13.83 -12.87 -9.59
N ASP A 198 -14.73 -13.65 -9.01
CA ASP A 198 -15.89 -13.06 -8.35
C ASP A 198 -15.47 -12.15 -7.20
N ARG A 199 -14.26 -12.31 -6.69
CA ARG A 199 -13.80 -11.59 -5.52
C ARG A 199 -12.79 -10.51 -5.87
N LEU A 200 -12.46 -10.33 -7.15
CA LEU A 200 -11.40 -9.42 -7.59
C LEU A 200 -11.96 -8.35 -8.53
N LEU A 201 -11.58 -7.09 -8.29
CA LEU A 201 -11.80 -6.01 -9.24
C LEU A 201 -10.45 -5.44 -9.63
N VAL A 202 -10.13 -5.49 -10.92
CA VAL A 202 -8.91 -4.88 -11.45
C VAL A 202 -9.23 -3.43 -11.84
N LEU A 203 -8.52 -2.50 -11.23
CA LEU A 203 -8.67 -1.07 -11.47
C LEU A 203 -7.46 -0.53 -12.20
N ARG A 204 -7.71 0.29 -13.19
CA ARG A 204 -6.65 1.03 -13.88
C ARG A 204 -6.74 2.49 -13.47
N LEU A 205 -5.60 3.17 -13.40
CA LEU A 205 -5.61 4.59 -13.12
C LEU A 205 -6.56 5.27 -14.10
N GLY A 206 -7.45 6.13 -13.58
CA GLY A 206 -8.46 6.80 -14.39
C GLY A 206 -9.86 6.23 -14.26
N ASP A 207 -10.01 5.00 -13.76
CA ASP A 207 -11.32 4.35 -13.73
C ASP A 207 -12.33 5.11 -12.87
N GLY A 208 -11.88 5.76 -11.81
CA GLY A 208 -12.79 6.53 -10.97
C GLY A 208 -13.72 5.72 -10.07
N TRP A 209 -14.81 6.38 -9.67
CA TRP A 209 -15.71 5.82 -8.66
C TRP A 209 -16.52 4.62 -9.15
N GLU A 210 -17.03 4.68 -10.38
CA GLU A 210 -18.17 3.82 -10.72
C GLU A 210 -17.85 2.33 -10.58
N PRO A 211 -16.77 1.79 -11.16
CA PRO A 211 -16.55 0.34 -10.99
C PRO A 211 -16.35 -0.06 -9.54
N LEU A 212 -15.64 0.78 -8.81
CA LEU A 212 -15.36 0.53 -7.40
C LEU A 212 -16.65 0.49 -6.59
N CYS A 213 -17.46 1.52 -6.71
CA CYS A 213 -18.68 1.59 -5.92
C CYS A 213 -19.65 0.49 -6.28
N LYS A 214 -19.74 0.12 -7.57
CA LYS A 214 -20.59 -1.00 -7.96
C LYS A 214 -20.13 -2.30 -7.25
N PHE A 215 -18.82 -2.55 -7.27
CA PHE A 215 -18.25 -3.73 -6.66
C PHE A 215 -18.50 -3.78 -5.16
N LEU A 216 -18.53 -2.62 -4.51
CA LEU A 216 -18.71 -2.52 -3.06
C LEU A 216 -20.16 -2.28 -2.63
N ASN A 217 -21.09 -2.19 -3.57
CA ASN A 217 -22.51 -2.02 -3.27
C ASN A 217 -22.77 -0.72 -2.50
N VAL A 218 -22.03 0.33 -2.86
CA VAL A 218 -22.24 1.65 -2.26
C VAL A 218 -22.58 2.67 -3.34
N GLU A 219 -23.26 3.72 -2.92
CA GLU A 219 -23.52 4.85 -3.81
C GLU A 219 -22.21 5.57 -4.11
N ILE A 220 -22.16 6.17 -5.30
CA ILE A 220 -21.05 7.06 -5.63
C ILE A 220 -21.12 8.30 -4.74
N PRO A 221 -20.05 8.65 -4.02
CA PRO A 221 -20.09 9.84 -3.17
C PRO A 221 -20.53 11.07 -3.94
N ASN A 222 -21.54 11.75 -3.43
CA ASN A 222 -22.20 12.82 -4.17
C ASN A 222 -21.31 14.07 -4.14
N GLY A 223 -20.97 14.58 -5.32
CA GLY A 223 -20.25 15.83 -5.44
C GLY A 223 -18.78 15.76 -5.09
N ILE A 224 -18.21 14.57 -4.94
CA ILE A 224 -16.79 14.40 -4.63
C ILE A 224 -16.16 13.70 -5.81
N ASP A 225 -15.16 14.33 -6.43
CA ASP A 225 -14.43 13.70 -7.51
C ASP A 225 -13.57 12.58 -6.96
N TYR A 226 -13.32 11.57 -7.78
CA TYR A 226 -12.44 10.50 -7.36
C TYR A 226 -11.05 11.09 -7.08
N PRO A 227 -10.41 10.73 -5.97
CA PRO A 227 -9.12 11.36 -5.64
C PRO A 227 -8.08 11.19 -6.73
N CYS A 228 -7.22 12.20 -6.85
CA CYS A 228 -6.10 12.18 -7.77
C CYS A 228 -4.94 12.84 -7.03
N VAL A 229 -4.28 12.05 -6.21
CA VAL A 229 -3.20 12.57 -5.41
C VAL A 229 -1.97 11.71 -5.58
N ASN A 230 -0.91 12.13 -4.87
CA ASN A 230 0.37 11.44 -4.80
C ASN A 230 1.21 11.33 -6.06
N SER A 231 1.13 12.31 -6.95
CA SER A 231 1.95 12.30 -8.16
C SER A 231 3.43 12.46 -7.81
N HIS A 232 4.32 11.92 -8.61
CA HIS A 232 5.72 12.05 -8.26
C HIS A 232 6.13 13.51 -8.25
N HIS A 233 5.49 14.34 -9.08
CA HIS A 233 5.79 15.75 -9.06
C HIS A 233 5.48 16.34 -7.70
N GLN A 234 4.38 15.92 -7.10
CA GLN A 234 3.98 16.43 -5.79
C GLN A 234 4.90 15.89 -4.69
N MET A 235 5.33 14.62 -4.82
CA MET A 235 6.25 14.07 -3.83
C MET A 235 7.59 14.79 -3.86
N THR A 236 8.08 15.13 -5.06
CA THR A 236 9.32 15.89 -5.17
C THR A 236 9.22 17.24 -4.49
N GLN A 237 8.09 17.94 -4.69
CA GLN A 237 7.87 19.19 -3.97
C GLN A 237 7.87 18.97 -2.46
N LEU A 238 7.23 17.89 -2.00
CA LEU A 238 7.22 17.60 -0.57
C LEU A 238 8.63 17.40 -0.04
N THR A 239 9.41 16.55 -0.69
CA THR A 239 10.79 16.35 -0.26
C THR A 239 11.55 17.68 -0.21
N GLU A 240 11.43 18.47 -1.26
CA GLU A 240 12.17 19.73 -1.29
C GLU A 240 11.70 20.68 -0.19
N GLN A 241 10.41 20.69 0.13
CA GLN A 241 9.92 21.57 1.19
C GLN A 241 10.32 21.04 2.57
N LEU A 242 10.37 19.72 2.75
CA LEU A 242 10.87 19.19 4.02
C LEU A 242 12.32 19.60 4.23
N ILE A 243 13.13 19.52 3.17
CA ILE A 243 14.52 19.95 3.26
C ILE A 243 14.59 21.42 3.63
N LYS A 244 13.78 22.26 2.98
CA LYS A 244 13.86 23.70 3.17
C LYS A 244 13.46 24.11 4.58
N TYR A 245 12.33 23.59 5.08
CA TYR A 245 11.77 24.06 6.34
C TYR A 245 12.15 23.20 7.53
N LYS A 246 12.55 21.95 7.29
CA LYS A 246 13.08 21.06 8.32
C LYS A 246 12.02 20.69 9.36
N SER A 247 10.76 20.69 8.97
CA SER A 247 9.71 20.10 9.78
C SER A 247 8.50 19.84 8.88
N LEU A 248 7.72 18.83 9.27
CA LEU A 248 6.44 18.58 8.61
C LEU A 248 5.42 19.63 9.01
N ASP A 249 5.37 20.00 10.29
CA ASP A 249 4.32 20.88 10.79
C ASP A 249 4.40 22.27 10.17
N ALA A 250 5.61 22.72 9.81
CA ALA A 250 5.75 24.04 9.21
C ALA A 250 5.15 24.10 7.81
N ILE A 251 4.94 22.97 7.14
CA ILE A 251 4.55 22.96 5.74
C ILE A 251 3.27 22.19 5.47
N ILE A 252 2.70 21.50 6.47
CA ILE A 252 1.63 20.54 6.17
C ILE A 252 0.40 21.26 5.61
N HIS A 253 0.20 22.54 5.97
CA HIS A 253 -0.93 23.29 5.45
C HIS A 253 -0.83 23.50 3.94
N MET A 254 0.36 23.29 3.37
CA MET A 254 0.59 23.39 1.93
C MET A 254 0.33 22.08 1.21
N PHE A 255 0.02 21.02 1.93
CA PHE A 255 -0.19 19.70 1.37
C PHE A 255 -1.50 19.16 1.94
N PRO A 256 -2.63 19.57 1.39
CA PRO A 256 -3.93 19.19 1.97
C PRO A 256 -4.18 17.70 2.00
N ASP A 257 -3.42 16.90 1.26
CA ASP A 257 -3.57 15.45 1.37
C ASP A 257 -2.90 14.88 2.62
N LEU A 258 -2.20 15.70 3.39
CA LEU A 258 -1.57 15.20 4.61
C LEU A 258 -2.17 15.91 5.82
#